data_1G2A
#
_entry.id   1G2A
#
_cell.length_a   138.700
_cell.length_b   63.100
_cell.length_c   85.600
_cell.angle_alpha   90.00
_cell.angle_beta   121.40
_cell.angle_gamma   90.00
#
_symmetry.space_group_name_H-M   'C 1 2 1'
#
loop_
_entity.id
_entity.type
_entity.pdbx_description
1 polymer 'POLYPEPTIDE DEFORMYLASE'
2 non-polymer 'NICKEL (II) ION'
3 non-polymer ACTINONIN
4 water water
#
_entity_poly.entity_id   1
_entity_poly.type   'polypeptide(L)'
_entity_poly.pdbx_seq_one_letter_code
;SVLQVLHIPDERLRKVAKPVEEVNAEIQRIVDDMFETMYAEEGIGLAATQVDIHQRIIVIDVSENRDERLVLINPELLEK
SGETGIEEGCLSIPEQRALVPRAEKVKIRALDRDGKPFELEADGLLAICIQHEMDHLVGKLFMDYLSPLKQQRIRQKVEK
LDRLKARA
;
_entity_poly.pdbx_strand_id   A,B,C
#
loop_
_chem_comp.id
_chem_comp.type
_chem_comp.name
_chem_comp.formula
BB2 non-polymer ACTINONIN 'C19 H35 N3 O5'
NI non-polymer 'NICKEL (II) ION' 'Ni 2'
#
# COMPACT_ATOMS: atom_id res chain seq x y z
N SER A 1 -17.66 6.63 0.43
CA SER A 1 -16.33 6.51 -0.19
C SER A 1 -16.33 6.01 -1.62
N VAL A 2 -15.43 6.42 -2.46
CA VAL A 2 -15.31 5.91 -3.83
C VAL A 2 -14.31 4.74 -3.83
N LEU A 3 -14.70 3.62 -4.43
CA LEU A 3 -13.82 2.46 -4.45
C LEU A 3 -13.10 2.27 -5.78
N GLN A 4 -11.90 1.64 -5.72
CA GLN A 4 -11.18 1.34 -6.94
C GLN A 4 -11.94 0.21 -7.70
N VAL A 5 -11.98 0.36 -8.98
CA VAL A 5 -12.65 -0.68 -9.79
C VAL A 5 -11.58 -1.55 -10.42
N LEU A 6 -11.70 -2.87 -10.21
CA LEU A 6 -10.72 -3.79 -10.78
C LEU A 6 -10.80 -3.80 -12.29
N HIS A 7 -9.66 -3.95 -12.97
CA HIS A 7 -9.61 -3.99 -14.41
C HIS A 7 -9.06 -5.33 -14.91
N ILE A 8 -9.45 -5.75 -16.12
CA ILE A 8 -8.80 -6.92 -16.70
C ILE A 8 -7.32 -6.54 -16.83
N PRO A 9 -6.46 -7.53 -16.74
CA PRO A 9 -6.75 -8.93 -16.57
C PRO A 9 -6.79 -9.52 -15.17
N ASP A 10 -7.13 -8.76 -14.16
CA ASP A 10 -7.16 -9.19 -12.77
C ASP A 10 -7.98 -10.44 -12.54
N GLU A 11 -7.39 -11.51 -12.00
CA GLU A 11 -8.16 -12.73 -11.74
C GLU A 11 -9.29 -12.57 -10.74
N ARG A 12 -9.23 -11.60 -9.85
CA ARG A 12 -10.29 -11.41 -8.85
C ARG A 12 -11.64 -11.19 -9.60
N LEU A 13 -11.56 -10.71 -10.82
CA LEU A 13 -12.80 -10.51 -11.61
C LEU A 13 -13.49 -11.83 -11.96
N ARG A 14 -12.84 -12.96 -11.80
CA ARG A 14 -13.43 -14.26 -12.09
C ARG A 14 -14.03 -14.95 -10.90
N LYS A 15 -13.98 -14.33 -9.72
CA LYS A 15 -14.46 -14.96 -8.51
C LYS A 15 -16.00 -15.01 -8.46
N VAL A 16 -16.51 -16.14 -7.98
CA VAL A 16 -17.96 -16.28 -7.84
C VAL A 16 -18.43 -15.79 -6.49
N ALA A 17 -19.31 -14.79 -6.48
CA ALA A 17 -19.81 -14.15 -5.31
C ALA A 17 -20.72 -15.01 -4.46
N LYS A 18 -20.64 -14.83 -3.16
CA LYS A 18 -21.52 -15.59 -2.26
C LYS A 18 -22.77 -14.74 -2.05
N PRO A 19 -23.85 -15.33 -1.57
CA PRO A 19 -25.04 -14.59 -1.28
C PRO A 19 -24.85 -13.71 -0.05
N VAL A 20 -25.51 -12.54 -0.03
CA VAL A 20 -25.53 -11.69 1.15
C VAL A 20 -26.28 -12.39 2.27
N GLU A 21 -25.70 -12.54 3.45
CA GLU A 21 -26.35 -13.25 4.55
C GLU A 21 -27.48 -12.47 5.17
N GLU A 22 -27.20 -11.15 5.32
CA GLU A 22 -28.17 -10.26 5.94
C GLU A 22 -27.93 -8.83 5.47
N VAL A 23 -29.00 -8.10 5.19
CA VAL A 23 -28.83 -6.73 4.70
C VAL A 23 -28.80 -5.83 5.94
N ASN A 24 -27.57 -5.55 6.39
CA ASN A 24 -27.40 -4.74 7.61
C ASN A 24 -26.62 -3.45 7.29
N ALA A 25 -26.23 -2.71 8.33
CA ALA A 25 -25.52 -1.44 8.09
C ALA A 25 -24.28 -1.65 7.26
N GLU A 26 -23.48 -2.68 7.53
CA GLU A 26 -22.27 -2.93 6.73
C GLU A 26 -22.61 -3.02 5.27
N ILE A 27 -23.65 -3.85 4.93
CA ILE A 27 -24.03 -3.99 3.54
C ILE A 27 -24.54 -2.71 2.92
N GLN A 28 -25.22 -1.87 3.70
CA GLN A 28 -25.74 -0.62 3.20
C GLN A 28 -24.58 0.35 2.93
N ARG A 29 -23.57 0.26 3.80
CA ARG A 29 -22.38 1.10 3.52
C ARG A 29 -21.78 0.72 2.21
N ILE A 30 -21.63 -0.59 1.94
CA ILE A 30 -21.14 -1.10 0.66
C ILE A 30 -21.99 -0.63 -0.49
N VAL A 31 -23.32 -0.76 -0.34
CA VAL A 31 -24.21 -0.32 -1.41
C VAL A 31 -24.02 1.16 -1.71
N ASP A 32 -23.94 1.97 -0.67
CA ASP A 32 -23.81 3.42 -0.89
C ASP A 32 -22.49 3.77 -1.54
N ASP A 33 -21.43 3.08 -1.10
CA ASP A 33 -20.11 3.30 -1.70
C ASP A 33 -20.11 2.83 -3.15
N MET A 34 -20.78 1.70 -3.47
CA MET A 34 -20.90 1.27 -4.86
C MET A 34 -21.62 2.32 -5.70
N PHE A 35 -22.69 2.94 -5.20
CA PHE A 35 -23.37 3.96 -5.97
C PHE A 35 -22.39 5.13 -6.23
N GLU A 36 -21.77 5.59 -5.14
CA GLU A 36 -20.79 6.70 -5.33
C GLU A 36 -19.77 6.41 -6.40
N THR A 37 -19.20 5.20 -6.41
CA THR A 37 -18.23 4.74 -7.38
C THR A 37 -18.83 4.77 -8.77
N MET A 38 -20.01 4.10 -8.88
CA MET A 38 -20.71 4.08 -10.17
C MET A 38 -20.89 5.47 -10.77
N TYR A 39 -21.38 6.40 -9.95
CA TYR A 39 -21.62 7.76 -10.47
C TYR A 39 -20.31 8.47 -10.78
N ALA A 40 -19.35 8.32 -9.85
CA ALA A 40 -18.04 8.96 -10.12
C ALA A 40 -17.42 8.47 -11.41
N GLU A 41 -17.53 7.16 -11.73
CA GLU A 41 -16.96 6.56 -12.94
C GLU A 41 -17.88 6.58 -14.15
N GLU A 42 -19.04 7.23 -14.00
CA GLU A 42 -20.02 7.40 -15.02
C GLU A 42 -20.54 6.06 -15.60
N GLY A 43 -20.87 5.19 -14.68
CA GLY A 43 -21.45 3.90 -15.16
C GLY A 43 -22.97 3.96 -14.98
N ILE A 44 -23.64 2.92 -15.51
CA ILE A 44 -25.08 2.76 -15.25
C ILE A 44 -25.37 1.56 -14.34
N GLY A 45 -24.30 0.87 -13.92
CA GLY A 45 -24.40 -0.22 -12.96
C GLY A 45 -23.00 -0.57 -12.42
N LEU A 46 -23.00 -1.37 -11.40
CA LEU A 46 -21.77 -1.88 -10.77
C LEU A 46 -22.14 -3.11 -9.96
N ALA A 47 -21.28 -4.10 -9.94
CA ALA A 47 -21.39 -5.34 -9.22
C ALA A 47 -20.31 -5.39 -8.13
N ALA A 48 -20.58 -5.96 -6.99
CA ALA A 48 -19.61 -5.94 -5.88
C ALA A 48 -18.30 -6.60 -6.26
N THR A 49 -18.35 -7.64 -7.09
CA THR A 49 -17.14 -8.31 -7.54
C THR A 49 -16.12 -7.33 -8.11
N GLN A 50 -16.62 -6.32 -8.79
CA GLN A 50 -15.79 -5.34 -9.46
C GLN A 50 -14.98 -4.47 -8.47
N VAL A 51 -15.43 -4.45 -7.25
CA VAL A 51 -14.71 -3.60 -6.26
C VAL A 51 -14.05 -4.49 -5.24
N ASP A 52 -13.91 -5.78 -5.61
CA ASP A 52 -13.32 -6.84 -4.81
C ASP A 52 -14.10 -7.25 -3.59
N ILE A 53 -15.44 -7.19 -3.63
CA ILE A 53 -16.34 -7.56 -2.55
C ILE A 53 -17.16 -8.76 -3.08
N HIS A 54 -16.76 -9.98 -2.72
CA HIS A 54 -17.39 -11.11 -3.46
C HIS A 54 -18.69 -11.56 -2.82
N GLN A 55 -19.66 -10.65 -2.94
CA GLN A 55 -21.01 -10.87 -2.41
C GLN A 55 -22.01 -10.44 -3.49
N ARG A 56 -23.21 -11.07 -3.48
CA ARG A 56 -24.14 -10.77 -4.56
C ARG A 56 -24.92 -9.49 -4.33
N ILE A 57 -24.23 -8.39 -4.64
CA ILE A 57 -24.73 -7.02 -4.48
C ILE A 57 -24.51 -6.29 -5.79
N ILE A 58 -25.57 -5.70 -6.37
CA ILE A 58 -25.54 -4.96 -7.61
C ILE A 58 -26.29 -3.60 -7.45
N VAL A 59 -25.69 -2.55 -7.97
CA VAL A 59 -26.35 -1.24 -7.90
C VAL A 59 -26.53 -0.81 -9.35
N ILE A 60 -27.64 -0.12 -9.67
CA ILE A 60 -27.95 0.27 -11.00
C ILE A 60 -28.66 1.61 -11.05
N ASP A 61 -28.39 2.41 -12.05
CA ASP A 61 -29.15 3.63 -12.34
C ASP A 61 -29.10 3.83 -13.85
N VAL A 62 -30.23 3.49 -14.53
CA VAL A 62 -30.32 3.66 -15.96
C VAL A 62 -31.13 4.89 -16.35
N SER A 63 -31.37 5.80 -15.40
CA SER A 63 -32.13 7.01 -15.67
C SER A 63 -31.33 8.10 -16.39
N GLU A 64 -32.09 8.90 -17.15
CA GLU A 64 -31.49 10.00 -17.90
C GLU A 64 -30.88 11.03 -16.92
N ASN A 65 -31.59 11.31 -15.86
CA ASN A 65 -31.09 12.32 -14.91
C ASN A 65 -30.16 11.75 -13.83
N ARG A 66 -29.89 10.45 -13.85
CA ARG A 66 -29.02 9.81 -12.88
C ARG A 66 -29.43 10.01 -11.44
N ASP A 67 -30.75 9.91 -11.19
CA ASP A 67 -31.32 10.08 -9.88
C ASP A 67 -32.34 8.96 -9.59
N GLU A 68 -32.07 7.80 -10.17
CA GLU A 68 -32.94 6.65 -9.92
C GLU A 68 -32.11 5.43 -9.52
N ARG A 69 -31.99 5.24 -8.21
CA ARG A 69 -31.18 4.17 -7.66
C ARG A 69 -31.96 2.85 -7.63
N LEU A 70 -31.34 1.78 -8.09
CA LEU A 70 -31.95 0.44 -8.02
C LEU A 70 -30.92 -0.49 -7.37
N VAL A 71 -31.30 -1.21 -6.34
CA VAL A 71 -30.41 -2.15 -5.66
C VAL A 71 -30.90 -3.61 -5.78
N LEU A 72 -30.05 -4.45 -6.31
CA LEU A 72 -30.35 -5.88 -6.43
C LEU A 72 -29.39 -6.65 -5.52
N ILE A 73 -29.90 -7.16 -4.44
CA ILE A 73 -29.17 -7.98 -3.47
C ILE A 73 -29.73 -9.40 -3.63
N ASN A 74 -28.83 -10.34 -3.85
CA ASN A 74 -29.23 -11.75 -4.07
C ASN A 74 -30.28 -11.81 -5.18
N PRO A 75 -29.96 -11.27 -6.33
CA PRO A 75 -30.88 -11.35 -7.45
C PRO A 75 -31.02 -12.81 -7.89
N GLU A 76 -32.24 -13.16 -8.33
CA GLU A 76 -32.45 -14.52 -8.86
C GLU A 76 -33.28 -14.37 -10.13
N LEU A 77 -32.78 -14.95 -11.20
CA LEU A 77 -33.52 -14.88 -12.47
C LEU A 77 -34.70 -15.87 -12.45
N LEU A 78 -35.89 -15.36 -12.62
CA LEU A 78 -37.11 -16.19 -12.57
C LEU A 78 -37.56 -16.63 -13.96
N GLU A 79 -37.47 -15.70 -14.89
CA GLU A 79 -37.87 -15.92 -16.27
C GLU A 79 -37.12 -15.00 -17.23
N LYS A 80 -36.97 -15.40 -18.47
CA LYS A 80 -36.44 -14.48 -19.47
C LYS A 80 -37.02 -14.82 -20.84
N SER A 81 -36.92 -13.90 -21.77
CA SER A 81 -37.39 -14.15 -23.12
C SER A 81 -36.78 -13.23 -24.15
N GLY A 82 -36.73 -13.75 -25.36
CA GLY A 82 -36.27 -13.04 -26.53
C GLY A 82 -34.75 -12.83 -26.56
N GLU A 83 -34.32 -12.15 -27.60
CA GLU A 83 -32.85 -11.91 -27.68
C GLU A 83 -32.65 -10.46 -28.11
N THR A 84 -31.46 -9.94 -27.79
CA THR A 84 -31.17 -8.54 -28.17
C THR A 84 -29.65 -8.37 -27.99
N GLY A 85 -29.19 -7.17 -28.32
CA GLY A 85 -27.75 -6.94 -28.07
C GLY A 85 -27.40 -5.49 -28.43
N ILE A 86 -26.66 -4.81 -27.54
CA ILE A 86 -26.21 -3.47 -27.86
C ILE A 86 -24.68 -3.44 -27.60
N GLU A 87 -24.02 -2.37 -28.02
CA GLU A 87 -22.57 -2.32 -27.74
C GLU A 87 -22.35 -1.95 -26.28
N GLU A 88 -21.99 -2.93 -25.49
CA GLU A 88 -21.79 -2.74 -24.06
C GLU A 88 -20.33 -2.39 -23.71
N GLY A 89 -20.18 -1.55 -22.68
CA GLY A 89 -18.81 -1.26 -22.20
C GLY A 89 -18.80 -1.73 -20.76
N CYS A 90 -17.68 -1.64 -20.03
CA CYS A 90 -17.61 -2.14 -18.69
C CYS A 90 -16.54 -1.32 -17.93
N LEU A 91 -16.78 -0.99 -16.69
CA LEU A 91 -15.76 -0.14 -16.01
C LEU A 91 -14.50 -0.94 -15.73
N SER A 92 -14.61 -2.26 -15.78
CA SER A 92 -13.42 -3.13 -15.62
C SER A 92 -12.70 -3.32 -16.94
N ILE A 93 -13.23 -2.83 -18.05
CA ILE A 93 -12.63 -2.94 -19.37
C ILE A 93 -12.74 -1.56 -19.98
N PRO A 94 -12.02 -0.59 -19.36
CA PRO A 94 -12.14 0.79 -19.78
C PRO A 94 -11.98 1.08 -21.24
N GLU A 95 -12.90 1.92 -21.76
CA GLU A 95 -12.99 2.47 -23.06
C GLU A 95 -13.35 1.51 -24.20
N GLN A 96 -13.63 0.24 -23.86
CA GLN A 96 -13.91 -0.69 -24.94
C GLN A 96 -15.39 -1.08 -24.89
N ARG A 97 -15.95 -1.25 -26.07
CA ARG A 97 -17.36 -1.68 -26.08
C ARG A 97 -17.57 -2.69 -27.22
N ALA A 98 -18.51 -3.61 -26.96
CA ALA A 98 -18.86 -4.53 -28.06
C ALA A 98 -20.27 -5.08 -27.84
N LEU A 99 -20.89 -5.50 -28.96
CA LEU A 99 -22.22 -6.10 -28.81
C LEU A 99 -22.12 -7.53 -28.31
N VAL A 100 -22.93 -7.93 -27.32
CA VAL A 100 -22.92 -9.34 -26.91
C VAL A 100 -24.38 -9.78 -26.85
N PRO A 101 -24.64 -11.06 -27.06
CA PRO A 101 -26.05 -11.50 -27.00
C PRO A 101 -26.61 -11.44 -25.61
N ARG A 102 -27.87 -11.02 -25.42
CA ARG A 102 -28.56 -10.97 -24.17
C ARG A 102 -30.08 -11.32 -24.33
N ALA A 103 -30.67 -11.71 -23.22
CA ALA A 103 -32.12 -11.91 -23.24
C ALA A 103 -32.78 -10.55 -23.46
N GLU A 104 -33.93 -10.42 -24.15
CA GLU A 104 -34.57 -9.11 -24.31
C GLU A 104 -35.23 -8.67 -23.03
N LYS A 105 -35.96 -9.59 -22.41
CA LYS A 105 -36.69 -9.35 -21.18
C LYS A 105 -36.32 -10.32 -20.06
N VAL A 106 -36.32 -9.82 -18.83
CA VAL A 106 -36.06 -10.61 -17.66
C VAL A 106 -37.00 -10.27 -16.51
N LYS A 107 -37.33 -11.29 -15.73
CA LYS A 107 -38.10 -11.14 -14.52
C LYS A 107 -37.22 -11.63 -13.36
N ILE A 108 -36.90 -10.75 -12.42
CA ILE A 108 -36.05 -11.22 -11.34
C ILE A 108 -36.67 -10.98 -9.99
N ARG A 109 -36.20 -11.65 -8.96
CA ARG A 109 -36.57 -11.41 -7.57
C ARG A 109 -35.26 -11.02 -6.84
N ALA A 110 -35.33 -10.02 -5.98
CA ALA A 110 -34.10 -9.64 -5.24
C ALA A 110 -34.50 -8.99 -3.94
N LEU A 111 -33.49 -8.57 -3.18
CA LEU A 111 -33.67 -7.85 -1.93
C LEU A 111 -33.19 -6.40 -2.16
N ASP A 112 -33.94 -5.45 -1.61
CA ASP A 112 -33.57 -4.04 -1.82
C ASP A 112 -32.58 -3.58 -0.76
N ARG A 113 -32.33 -2.25 -0.74
CA ARG A 113 -31.34 -1.73 0.23
C ARG A 113 -31.75 -1.93 1.66
N ASP A 114 -33.08 -2.09 1.88
CA ASP A 114 -33.58 -2.37 3.22
C ASP A 114 -33.69 -3.85 3.54
N GLY A 115 -33.47 -4.76 2.61
CA GLY A 115 -33.49 -6.19 2.84
C GLY A 115 -34.91 -6.74 2.52
N LYS A 116 -35.71 -5.88 1.92
CA LYS A 116 -37.09 -6.34 1.58
C LYS A 116 -37.11 -6.94 0.19
N PRO A 117 -37.81 -8.06 0.05
CA PRO A 117 -37.87 -8.74 -1.23
C PRO A 117 -38.77 -8.00 -2.20
N PHE A 118 -38.45 -8.08 -3.47
CA PHE A 118 -39.26 -7.48 -4.51
C PHE A 118 -39.03 -8.26 -5.82
N GLU A 119 -40.04 -8.13 -6.69
CA GLU A 119 -39.92 -8.72 -8.02
C GLU A 119 -39.88 -7.57 -9.02
N LEU A 120 -39.12 -7.78 -10.09
CA LEU A 120 -38.98 -6.79 -11.12
C LEU A 120 -38.95 -7.33 -12.54
N GLU A 121 -39.82 -6.84 -13.40
CA GLU A 121 -39.77 -7.26 -14.80
C GLU A 121 -39.07 -6.12 -15.52
N ALA A 122 -38.13 -6.44 -16.39
CA ALA A 122 -37.39 -5.40 -17.09
C ALA A 122 -37.25 -5.74 -18.56
N ASP A 123 -37.08 -4.73 -19.38
CA ASP A 123 -36.84 -4.87 -20.80
C ASP A 123 -35.91 -3.73 -21.20
N GLY A 124 -35.61 -3.58 -22.48
CA GLY A 124 -34.76 -2.48 -22.92
C GLY A 124 -33.37 -2.54 -22.23
N LEU A 125 -32.90 -1.32 -21.98
CA LEU A 125 -31.56 -1.20 -21.36
C LEU A 125 -31.54 -1.76 -19.96
N LEU A 126 -32.58 -1.60 -19.15
CA LEU A 126 -32.51 -2.14 -17.80
C LEU A 126 -32.30 -3.65 -17.81
N ALA A 127 -32.99 -4.37 -18.74
CA ALA A 127 -32.81 -5.82 -18.76
C ALA A 127 -31.39 -6.18 -19.19
N ILE A 128 -30.83 -5.41 -20.12
CA ILE A 128 -29.47 -5.69 -20.60
C ILE A 128 -28.53 -5.46 -19.42
N CYS A 129 -28.68 -4.28 -18.79
CA CYS A 129 -27.81 -3.99 -17.62
C CYS A 129 -27.87 -4.99 -16.52
N ILE A 130 -29.07 -5.48 -16.15
CA ILE A 130 -29.19 -6.46 -15.09
C ILE A 130 -28.30 -7.67 -15.45
N GLN A 131 -28.48 -8.13 -16.69
CA GLN A 131 -27.78 -9.32 -17.16
C GLN A 131 -26.24 -9.14 -17.05
N HIS A 132 -25.84 -7.97 -17.49
CA HIS A 132 -24.37 -7.67 -17.46
C HIS A 132 -23.90 -7.75 -16.01
N GLU A 133 -24.62 -7.10 -15.12
CA GLU A 133 -24.29 -7.04 -13.71
C GLU A 133 -24.33 -8.43 -13.10
N MET A 134 -25.40 -9.20 -13.38
CA MET A 134 -25.45 -10.55 -12.87
C MET A 134 -24.29 -11.42 -13.35
N ASP A 135 -23.85 -11.27 -14.58
CA ASP A 135 -22.72 -12.02 -15.10
C ASP A 135 -21.47 -11.70 -14.24
N HIS A 136 -21.27 -10.43 -13.88
CA HIS A 136 -20.07 -10.15 -13.04
C HIS A 136 -20.07 -11.00 -11.78
N LEU A 137 -21.25 -11.28 -11.20
CA LEU A 137 -21.35 -12.06 -9.99
C LEU A 137 -20.93 -13.53 -10.14
N VAL A 138 -20.94 -14.02 -11.37
CA VAL A 138 -20.44 -15.38 -11.60
C VAL A 138 -19.13 -15.38 -12.35
N GLY A 139 -18.43 -14.22 -12.24
CA GLY A 139 -17.09 -14.13 -12.81
C GLY A 139 -17.04 -13.99 -14.31
N LYS A 140 -18.14 -13.49 -14.92
CA LYS A 140 -18.19 -13.39 -16.36
C LYS A 140 -18.20 -11.94 -16.82
N LEU A 141 -17.51 -11.72 -17.92
CA LEU A 141 -17.32 -10.40 -18.51
C LEU A 141 -17.84 -10.34 -19.92
N PHE A 142 -18.25 -9.18 -20.44
CA PHE A 142 -18.78 -9.13 -21.79
C PHE A 142 -17.81 -9.63 -22.84
N MET A 143 -16.47 -9.45 -22.64
CA MET A 143 -15.53 -9.88 -23.66
C MET A 143 -15.49 -11.41 -23.81
N ASP A 144 -16.05 -12.10 -22.87
CA ASP A 144 -16.04 -13.57 -22.88
C ASP A 144 -16.92 -14.12 -24.00
N TYR A 145 -17.84 -13.30 -24.52
CA TYR A 145 -18.70 -13.73 -25.63
C TYR A 145 -18.13 -13.50 -27.01
N LEU A 146 -16.89 -12.99 -27.08
CA LEU A 146 -16.23 -12.60 -28.31
C LEU A 146 -15.06 -13.53 -28.71
N SER A 147 -14.65 -13.38 -29.95
CA SER A 147 -13.60 -14.26 -30.47
C SER A 147 -12.29 -13.99 -29.72
N PRO A 148 -11.37 -14.93 -29.87
CA PRO A 148 -10.04 -14.75 -29.24
C PRO A 148 -9.36 -13.49 -29.76
N LEU A 149 -9.47 -13.22 -31.06
CA LEU A 149 -8.88 -12.01 -31.64
C LEU A 149 -9.45 -10.77 -30.99
N LYS A 150 -10.80 -10.66 -30.97
CA LYS A 150 -11.36 -9.47 -30.32
C LYS A 150 -10.94 -9.37 -28.85
N GLN A 151 -10.91 -10.47 -28.11
CA GLN A 151 -10.55 -10.45 -26.70
C GLN A 151 -9.09 -9.93 -26.53
N GLN A 152 -8.26 -10.35 -27.46
CA GLN A 152 -6.84 -9.98 -27.36
C GLN A 152 -6.67 -8.49 -27.64
N ARG A 153 -7.40 -8.02 -28.64
CA ARG A 153 -7.40 -6.59 -28.96
C ARG A 153 -7.87 -5.77 -27.79
N ILE A 154 -8.94 -6.14 -27.10
CA ILE A 154 -9.46 -5.45 -25.94
C ILE A 154 -8.48 -5.48 -24.78
N ARG A 155 -7.91 -6.66 -24.54
CA ARG A 155 -6.92 -6.77 -23.49
C ARG A 155 -5.77 -5.78 -23.72
N GLN A 156 -5.30 -5.71 -24.97
CA GLN A 156 -4.13 -4.84 -25.21
C GLN A 156 -4.48 -3.39 -25.04
N LYS A 157 -5.70 -3.03 -25.48
CA LYS A 157 -6.05 -1.61 -25.33
C LYS A 157 -6.18 -1.24 -23.87
N VAL A 158 -6.77 -2.11 -23.06
CA VAL A 158 -6.93 -1.78 -21.63
C VAL A 158 -5.56 -1.68 -20.95
N GLU A 159 -4.69 -2.63 -21.23
CA GLU A 159 -3.36 -2.58 -20.60
C GLU A 159 -2.62 -1.30 -20.98
N LYS A 160 -2.74 -0.89 -22.24
CA LYS A 160 -2.04 0.34 -22.64
C LYS A 160 -2.63 1.56 -21.95
N LEU A 161 -3.98 1.59 -21.90
CA LEU A 161 -4.62 2.72 -21.23
C LEU A 161 -4.12 2.81 -19.79
N ASP A 162 -4.05 1.65 -19.13
CA ASP A 162 -3.67 1.63 -17.73
C ASP A 162 -2.19 2.00 -17.58
N ARG A 163 -1.41 1.66 -18.60
CA ARG A 163 0.03 1.91 -18.52
C ARG A 163 0.25 3.41 -18.55
N LEU A 164 -0.46 4.08 -19.45
CA LEU A 164 -0.39 5.52 -19.60
C LEU A 164 -0.98 6.24 -18.39
N SER B 1 -10.91 -4.04 -0.35
CA SER B 1 -11.14 -2.98 -1.32
C SER B 1 -10.14 -1.80 -1.12
N VAL B 2 -9.81 -1.19 -2.20
CA VAL B 2 -8.92 0.00 -2.13
C VAL B 2 -9.85 1.20 -2.32
N LEU B 3 -9.63 2.22 -1.49
CA LEU B 3 -10.47 3.39 -1.50
C LEU B 3 -9.73 4.60 -2.06
N GLN B 4 -10.52 5.47 -2.65
CA GLN B 4 -9.91 6.72 -3.17
C GLN B 4 -9.59 7.65 -1.98
N VAL B 5 -8.35 8.17 -2.09
CA VAL B 5 -7.87 9.13 -1.08
C VAL B 5 -8.14 10.56 -1.52
N LEU B 6 -8.74 11.36 -0.66
CA LEU B 6 -9.12 12.73 -0.98
C LEU B 6 -7.82 13.58 -1.05
N HIS B 7 -7.88 14.56 -1.93
CA HIS B 7 -6.71 15.47 -2.06
C HIS B 7 -7.11 16.91 -1.80
N ILE B 8 -6.12 17.71 -1.31
CA ILE B 8 -6.48 19.14 -1.22
C ILE B 8 -6.77 19.57 -2.64
N PRO B 9 -7.59 20.61 -2.78
CA PRO B 9 -8.20 21.36 -1.72
C PRO B 9 -9.59 21.00 -1.23
N ASP B 10 -9.90 19.72 -1.27
CA ASP B 10 -11.18 19.17 -0.85
C ASP B 10 -11.48 19.44 0.62
N GLU B 11 -12.53 20.21 0.89
CA GLU B 11 -12.88 20.56 2.26
C GLU B 11 -13.29 19.38 3.13
N ARG B 12 -13.58 18.22 2.51
CA ARG B 12 -13.93 17.08 3.35
C ARG B 12 -12.71 16.73 4.23
N LEU B 13 -11.54 17.12 3.73
CA LEU B 13 -10.34 16.86 4.55
C LEU B 13 -10.30 17.72 5.79
N ARG B 14 -11.17 18.71 5.94
CA ARG B 14 -11.18 19.54 7.13
C ARG B 14 -12.20 19.13 8.16
N LYS B 15 -13.00 18.08 7.82
CA LYS B 15 -14.00 17.62 8.79
C LYS B 15 -13.43 16.93 10.01
N VAL B 16 -14.03 17.13 11.17
CA VAL B 16 -13.60 16.53 12.40
C VAL B 16 -14.34 15.21 12.64
N ALA B 17 -13.58 14.13 12.74
CA ALA B 17 -14.19 12.80 12.90
C ALA B 17 -14.81 12.55 14.25
N LYS B 18 -15.93 11.78 14.30
CA LYS B 18 -16.54 11.40 15.54
C LYS B 18 -15.93 10.09 16.07
N PRO B 19 -15.99 9.85 17.35
CA PRO B 19 -15.46 8.64 17.93
C PRO B 19 -16.26 7.44 17.41
N VAL B 20 -15.54 6.35 17.20
CA VAL B 20 -16.22 5.10 16.82
C VAL B 20 -17.04 4.64 18.02
N GLU B 21 -18.31 4.29 17.75
CA GLU B 21 -19.24 3.86 18.78
C GLU B 21 -18.98 2.45 19.30
N GLU B 22 -18.87 1.57 18.31
CA GLU B 22 -18.62 0.15 18.63
C GLU B 22 -17.72 -0.46 17.57
N VAL B 23 -16.70 -1.22 18.00
CA VAL B 23 -15.80 -1.82 17.02
C VAL B 23 -16.40 -3.15 16.56
N ASN B 24 -17.15 -3.11 15.48
CA ASN B 24 -17.82 -4.34 14.99
C ASN B 24 -17.32 -4.74 13.64
N ALA B 25 -18.00 -5.69 12.95
CA ALA B 25 -17.53 -6.10 11.63
C ALA B 25 -17.48 -4.99 10.62
N GLU B 26 -18.41 -4.04 10.70
CA GLU B 26 -18.44 -2.91 9.79
C GLU B 26 -17.13 -2.08 9.95
N ILE B 27 -16.82 -1.83 11.19
CA ILE B 27 -15.56 -1.06 11.44
C ILE B 27 -14.33 -1.86 11.06
N GLN B 28 -14.35 -3.18 11.23
CA GLN B 28 -13.24 -4.04 10.84
C GLN B 28 -13.02 -4.05 9.35
N ARG B 29 -14.08 -4.02 8.52
CA ARG B 29 -13.97 -3.96 7.09
C ARG B 29 -13.28 -2.65 6.69
N ILE B 30 -13.73 -1.57 7.31
CA ILE B 30 -13.18 -0.24 7.05
C ILE B 30 -11.65 -0.28 7.40
N VAL B 31 -11.35 -0.86 8.51
CA VAL B 31 -9.92 -0.95 8.93
C VAL B 31 -9.12 -1.70 7.89
N ASP B 32 -9.58 -2.88 7.45
CA ASP B 32 -8.86 -3.65 6.45
C ASP B 32 -8.74 -2.98 5.10
N ASP B 33 -9.76 -2.21 4.66
CA ASP B 33 -9.73 -1.54 3.40
C ASP B 33 -8.78 -0.31 3.53
N MET B 34 -8.68 0.15 4.78
CA MET B 34 -7.77 1.30 5.01
C MET B 34 -6.31 0.84 4.87
N PHE B 35 -6.05 -0.34 5.42
CA PHE B 35 -4.71 -0.92 5.22
C PHE B 35 -4.44 -1.22 3.76
N GLU B 36 -5.43 -1.78 3.02
CA GLU B 36 -5.21 -2.03 1.62
C GLU B 36 -4.79 -0.81 0.83
N THR B 37 -5.51 0.29 1.14
CA THR B 37 -5.33 1.58 0.53
C THR B 37 -3.89 2.13 0.86
N MET B 38 -3.60 2.12 2.11
CA MET B 38 -2.28 2.57 2.59
C MET B 38 -1.15 1.84 1.89
N TYR B 39 -1.23 0.50 1.85
CA TYR B 39 -0.17 -0.25 1.16
C TYR B 39 -0.15 0.01 -0.32
N ALA B 40 -1.35 0.08 -0.95
CA ALA B 40 -1.39 0.34 -2.39
C ALA B 40 -0.80 1.70 -2.77
N GLU B 41 -0.97 2.68 -1.89
CA GLU B 41 -0.48 4.03 -2.19
C GLU B 41 0.92 4.26 -1.58
N GLU B 42 1.52 3.23 -1.06
CA GLU B 42 2.84 3.25 -0.46
C GLU B 42 3.01 4.21 0.73
N GLY B 43 2.01 4.27 1.57
CA GLY B 43 2.10 5.11 2.77
C GLY B 43 2.38 4.31 4.00
N ILE B 44 2.76 5.01 5.09
CA ILE B 44 2.99 4.40 6.36
C ILE B 44 1.91 4.62 7.39
N GLY B 45 0.86 5.36 6.94
CA GLY B 45 -0.30 5.58 7.81
C GLY B 45 -1.48 6.06 6.92
N LEU B 46 -2.65 6.01 7.53
CA LEU B 46 -3.86 6.51 6.88
C LEU B 46 -4.91 6.77 7.92
N ALA B 47 -5.66 7.88 7.80
CA ALA B 47 -6.74 8.22 8.72
C ALA B 47 -8.07 8.12 7.92
N ALA B 48 -9.11 7.66 8.60
CA ALA B 48 -10.39 7.47 7.87
C ALA B 48 -10.89 8.71 7.18
N THR B 49 -10.66 9.88 7.80
CA THR B 49 -10.98 11.16 7.18
C THR B 49 -10.55 11.26 5.76
N GLN B 50 -9.35 10.72 5.37
CA GLN B 50 -8.78 10.80 4.07
C GLN B 50 -9.53 9.94 3.02
N VAL B 51 -10.33 9.02 3.55
CA VAL B 51 -11.09 8.20 2.59
C VAL B 51 -12.58 8.52 2.75
N ASP B 52 -12.81 9.74 3.26
CA ASP B 52 -14.17 10.26 3.47
C ASP B 52 -15.01 9.50 4.47
N ILE B 53 -14.41 8.88 5.49
CA ILE B 53 -15.10 8.18 6.54
C ILE B 53 -14.78 8.99 7.81
N HIS B 54 -15.76 9.75 8.29
CA HIS B 54 -15.45 10.67 9.42
C HIS B 54 -15.66 10.06 10.78
N GLN B 55 -14.80 9.07 11.11
CA GLN B 55 -14.77 8.39 12.37
C GLN B 55 -13.29 8.31 12.82
N ARG B 56 -13.10 8.14 14.11
CA ARG B 56 -11.71 8.13 14.60
C ARG B 56 -11.02 6.78 14.51
N ILE B 57 -10.58 6.51 13.28
CA ILE B 57 -9.90 5.32 12.86
C ILE B 57 -8.61 5.65 12.11
N ILE B 58 -7.51 5.09 12.59
CA ILE B 58 -6.19 5.21 12.02
C ILE B 58 -5.53 3.84 11.89
N VAL B 59 -4.88 3.67 10.78
CA VAL B 59 -4.05 2.48 10.55
C VAL B 59 -2.62 2.94 10.27
N ILE B 60 -1.67 2.16 10.77
CA ILE B 60 -0.26 2.48 10.55
C ILE B 60 0.62 1.26 10.33
N ASP B 61 1.63 1.38 9.49
CA ASP B 61 2.67 0.37 9.38
C ASP B 61 4.01 1.08 9.04
N VAL B 62 4.79 1.26 10.12
CA VAL B 62 6.09 1.91 9.92
C VAL B 62 7.22 0.91 9.82
N SER B 63 6.90 -0.38 9.64
CA SER B 63 7.95 -1.39 9.53
C SER B 63 8.65 -1.42 8.20
N GLU B 64 9.91 -1.90 8.23
CA GLU B 64 10.74 -2.04 7.06
C GLU B 64 10.12 -3.02 6.07
N ASN B 65 9.63 -4.11 6.63
CA ASN B 65 9.09 -5.19 5.80
C ASN B 65 7.62 -4.99 5.46
N ARG B 66 6.99 -3.96 6.00
CA ARG B 66 5.58 -3.67 5.69
C ARG B 66 4.66 -4.82 6.07
N ASP B 67 4.90 -5.37 7.25
CA ASP B 67 4.11 -6.47 7.79
C ASP B 67 3.86 -6.34 9.26
N GLU B 68 3.61 -5.12 9.76
CA GLU B 68 3.36 -4.84 11.15
C GLU B 68 2.21 -3.85 11.26
N ARG B 69 1.00 -4.39 11.21
CA ARG B 69 -0.21 -3.58 11.25
C ARG B 69 -0.52 -3.04 12.64
N LEU B 70 -0.67 -1.72 12.71
CA LEU B 70 -1.06 -1.12 13.98
C LEU B 70 -2.40 -0.36 13.72
N VAL B 71 -3.34 -0.59 14.60
CA VAL B 71 -4.64 0.06 14.55
C VAL B 71 -4.84 0.92 15.80
N LEU B 72 -5.24 2.17 15.53
CA LEU B 72 -5.58 3.11 16.56
C LEU B 72 -7.03 3.60 16.37
N ILE B 73 -7.95 3.08 17.16
CA ILE B 73 -9.33 3.54 17.10
C ILE B 73 -9.57 4.42 18.33
N ASN B 74 -10.17 5.59 18.14
CA ASN B 74 -10.42 6.52 19.22
C ASN B 74 -9.16 6.77 20.08
N PRO B 75 -8.05 7.13 19.44
CA PRO B 75 -6.80 7.37 20.16
C PRO B 75 -6.89 8.59 21.09
N GLU B 76 -6.28 8.44 22.26
CA GLU B 76 -6.22 9.53 23.24
C GLU B 76 -4.75 9.84 23.57
N LEU B 77 -4.32 11.09 23.43
CA LEU B 77 -2.92 11.39 23.84
C LEU B 77 -2.87 11.50 25.35
N LEU B 78 -2.11 10.66 26.02
CA LEU B 78 -1.99 10.68 27.48
C LEU B 78 -0.84 11.63 27.89
N GLU B 79 0.25 11.51 27.17
CA GLU B 79 1.43 12.34 27.46
C GLU B 79 2.28 12.53 26.22
N LYS B 80 2.94 13.70 26.13
CA LYS B 80 3.89 13.95 25.06
C LYS B 80 5.12 14.71 25.64
N SER B 81 6.19 14.63 24.87
CA SER B 81 7.41 15.34 25.34
C SER B 81 8.35 15.55 24.19
N GLY B 82 9.16 16.64 24.34
CA GLY B 82 10.15 16.96 23.36
C GLY B 82 9.64 17.47 22.04
N GLU B 83 10.57 17.76 21.16
CA GLU B 83 10.30 18.26 19.82
C GLU B 83 11.19 17.59 18.79
N THR B 84 10.67 17.40 17.58
CA THR B 84 11.43 16.78 16.51
C THR B 84 10.84 17.20 15.17
N GLY B 85 11.34 16.66 14.08
CA GLY B 85 10.77 16.92 12.77
C GLY B 85 11.53 16.27 11.65
N ILE B 86 10.81 15.72 10.67
CA ILE B 86 11.39 15.12 9.48
C ILE B 86 10.63 15.66 8.28
N GLU B 87 11.10 15.45 7.06
CA GLU B 87 10.33 15.92 5.92
C GLU B 87 9.15 14.93 5.75
N GLU B 88 7.94 15.47 5.90
CA GLU B 88 6.76 14.59 5.74
C GLU B 88 6.10 14.86 4.40
N GLY B 89 5.46 13.78 3.91
CA GLY B 89 4.60 13.85 2.73
C GLY B 89 3.25 13.27 3.22
N CYS B 90 2.25 13.43 2.35
CA CYS B 90 0.89 13.00 2.73
C CYS B 90 0.20 12.57 1.44
N LEU B 91 -0.60 11.49 1.56
CA LEU B 91 -1.27 10.98 0.36
C LEU B 91 -2.33 11.98 -0.12
N SER B 92 -2.73 12.91 0.74
CA SER B 92 -3.72 13.90 0.32
C SER B 92 -3.05 15.15 -0.26
N ILE B 93 -1.72 15.23 -0.24
CA ILE B 93 -1.00 16.39 -0.82
C ILE B 93 0.14 15.82 -1.66
N PRO B 94 -0.23 15.20 -2.78
CA PRO B 94 0.67 14.49 -3.63
C PRO B 94 1.95 15.17 -4.08
N GLU B 95 3.03 14.43 -3.83
CA GLU B 95 4.37 14.79 -4.27
C GLU B 95 5.00 15.96 -3.52
N GLN B 96 4.29 16.47 -2.52
CA GLN B 96 4.88 17.61 -1.77
C GLN B 96 5.42 17.12 -0.44
N ARG B 97 6.60 17.63 -0.01
CA ARG B 97 7.10 17.25 1.30
C ARG B 97 7.68 18.48 2.03
N ALA B 98 7.58 18.44 3.35
CA ALA B 98 8.14 19.52 4.15
C ALA B 98 8.43 19.07 5.57
N LEU B 99 9.46 19.67 6.21
CA LEU B 99 9.70 19.40 7.62
C LEU B 99 8.65 20.11 8.47
N VAL B 100 8.04 19.47 9.46
CA VAL B 100 7.07 20.12 10.32
C VAL B 100 7.33 19.67 11.76
N PRO B 101 7.15 20.58 12.70
CA PRO B 101 7.42 20.32 14.09
C PRO B 101 6.46 19.31 14.69
N ARG B 102 6.97 18.36 15.44
CA ARG B 102 6.17 17.35 16.13
C ARG B 102 6.71 17.09 17.51
N ALA B 103 5.95 16.50 18.39
CA ALA B 103 6.45 16.06 19.69
C ALA B 103 7.41 14.90 19.38
N GLU B 104 8.46 14.73 20.19
CA GLU B 104 9.40 13.66 19.97
C GLU B 104 8.83 12.32 20.43
N LYS B 105 8.15 12.30 21.57
CA LYS B 105 7.61 11.13 22.18
C LYS B 105 6.12 11.33 22.54
N VAL B 106 5.35 10.25 22.28
CA VAL B 106 3.94 10.34 22.69
C VAL B 106 3.54 9.04 23.38
N LYS B 107 2.61 9.17 24.31
CA LYS B 107 2.04 8.02 25.00
C LYS B 107 0.54 8.03 24.68
N ILE B 108 0.07 6.97 24.03
CA ILE B 108 -1.37 7.08 23.66
C ILE B 108 -2.14 5.85 24.14
N ARG B 109 -3.44 6.06 24.24
CA ARG B 109 -4.32 4.94 24.62
C ARG B 109 -5.34 4.81 23.46
N ALA B 110 -5.62 3.59 22.99
CA ALA B 110 -6.51 3.46 21.83
C ALA B 110 -7.14 2.06 21.90
N LEU B 111 -8.13 1.87 21.04
CA LEU B 111 -8.71 0.53 20.89
C LEU B 111 -8.05 -0.09 19.66
N ASP B 112 -7.85 -1.41 19.69
CA ASP B 112 -7.25 -2.13 18.59
C ASP B 112 -8.36 -2.68 17.67
N ARG B 113 -7.98 -3.43 16.67
CA ARG B 113 -8.97 -3.93 15.69
C ARG B 113 -10.09 -4.74 16.34
N ASP B 114 -9.87 -5.28 17.50
CA ASP B 114 -10.89 -6.06 18.20
C ASP B 114 -11.70 -5.24 19.18
N GLY B 115 -11.40 -3.95 19.31
CA GLY B 115 -12.04 -3.06 20.24
C GLY B 115 -11.42 -3.11 21.64
N LYS B 116 -10.25 -3.72 21.79
CA LYS B 116 -9.62 -3.82 23.11
C LYS B 116 -8.68 -2.64 23.36
N PRO B 117 -8.83 -2.04 24.52
CA PRO B 117 -8.01 -0.86 24.84
C PRO B 117 -6.56 -1.26 25.07
N PHE B 118 -5.64 -0.43 24.57
CA PHE B 118 -4.22 -0.72 24.84
C PHE B 118 -3.49 0.61 25.00
N GLU B 119 -2.31 0.59 25.65
CA GLU B 119 -1.53 1.83 25.71
C GLU B 119 -0.23 1.61 24.95
N LEU B 120 0.30 2.65 24.30
CA LEU B 120 1.51 2.51 23.51
C LEU B 120 2.44 3.73 23.66
N GLU B 121 3.69 3.44 23.99
CA GLU B 121 4.66 4.56 24.07
C GLU B 121 5.46 4.51 22.80
N ALA B 122 5.49 5.62 22.09
CA ALA B 122 6.18 5.72 20.82
C ALA B 122 7.20 6.86 20.81
N ASP B 123 8.17 6.67 19.95
CA ASP B 123 9.19 7.68 19.69
C ASP B 123 9.61 7.55 18.25
N GLY B 124 10.67 8.23 17.82
CA GLY B 124 11.12 8.14 16.44
C GLY B 124 9.97 8.37 15.45
N LEU B 125 10.07 7.61 14.37
CA LEU B 125 9.14 7.71 13.24
C LEU B 125 7.70 7.38 13.68
N LEU B 126 7.55 6.35 14.50
CA LEU B 126 6.15 5.99 14.90
C LEU B 126 5.47 7.15 15.59
N ALA B 127 6.14 7.81 16.54
CA ALA B 127 5.51 8.96 17.19
C ALA B 127 5.11 10.04 16.20
N ILE B 128 5.95 10.39 15.22
CA ILE B 128 5.66 11.39 14.22
C ILE B 128 4.42 10.99 13.40
N CYS B 129 4.48 9.74 12.94
CA CYS B 129 3.33 9.22 12.13
C CYS B 129 2.05 9.27 12.95
N ILE B 130 2.04 8.83 14.19
CA ILE B 130 0.82 8.88 15.03
C ILE B 130 0.28 10.29 15.00
N GLN B 131 1.15 11.31 15.28
CA GLN B 131 0.64 12.68 15.26
C GLN B 131 0.11 13.18 13.92
N HIS B 132 0.74 12.81 12.82
CA HIS B 132 0.31 13.18 11.48
C HIS B 132 -1.14 12.61 11.28
N GLU B 133 -1.26 11.35 11.71
CA GLU B 133 -2.61 10.73 11.54
C GLU B 133 -3.66 11.33 12.43
N MET B 134 -3.33 11.58 13.69
CA MET B 134 -4.25 12.17 14.65
C MET B 134 -4.57 13.58 14.21
N ASP B 135 -3.69 14.28 13.48
CA ASP B 135 -4.04 15.61 13.00
C ASP B 135 -5.18 15.47 11.94
N HIS B 136 -5.07 14.44 11.08
CA HIS B 136 -6.11 14.30 10.05
C HIS B 136 -7.49 14.16 10.66
N LEU B 137 -7.56 13.47 11.78
CA LEU B 137 -8.89 13.25 12.42
C LEU B 137 -9.52 14.55 12.88
N VAL B 138 -8.70 15.59 13.17
CA VAL B 138 -9.30 16.89 13.55
C VAL B 138 -9.22 17.90 12.41
N GLY B 139 -9.02 17.44 11.19
CA GLY B 139 -9.00 18.18 9.95
C GLY B 139 -7.78 19.07 9.72
N LYS B 140 -6.64 18.63 10.25
CA LYS B 140 -5.38 19.35 10.14
C LYS B 140 -4.41 18.60 9.24
N LEU B 141 -3.69 19.33 8.40
CA LEU B 141 -2.80 18.78 7.40
C LEU B 141 -1.35 19.24 7.68
N PHE B 142 -0.35 18.56 7.14
CA PHE B 142 1.03 18.99 7.53
C PHE B 142 1.38 20.34 6.96
N MET B 143 0.70 20.73 5.88
CA MET B 143 0.97 22.03 5.26
C MET B 143 0.49 23.17 6.16
N ASP B 144 -0.30 22.92 7.18
CA ASP B 144 -0.86 23.97 8.03
C ASP B 144 0.24 24.56 8.91
N TYR B 145 1.36 23.85 9.00
CA TYR B 145 2.43 24.33 9.89
C TYR B 145 3.41 25.25 9.18
N LEU B 146 3.23 25.39 7.89
CA LEU B 146 4.11 26.13 7.01
C LEU B 146 3.62 27.55 6.82
N SER B 147 4.49 28.35 6.19
CA SER B 147 4.10 29.75 5.97
C SER B 147 2.98 29.84 4.93
N PRO B 148 2.24 30.91 4.94
CA PRO B 148 1.17 31.13 3.98
C PRO B 148 1.63 31.04 2.54
N LEU B 149 2.82 31.57 2.22
CA LEU B 149 3.30 31.47 0.85
C LEU B 149 3.56 30.01 0.46
N LYS B 150 4.19 29.25 1.33
CA LYS B 150 4.49 27.85 1.03
C LYS B 150 3.20 27.05 0.90
N GLN B 151 2.22 27.41 1.73
CA GLN B 151 0.93 26.68 1.64
C GLN B 151 0.34 26.94 0.26
N GLN B 152 0.47 28.18 -0.19
CA GLN B 152 -0.03 28.57 -1.50
C GLN B 152 0.66 27.82 -2.62
N ARG B 153 1.97 27.68 -2.55
CA ARG B 153 2.74 26.96 -3.56
C ARG B 153 2.30 25.49 -3.60
N ILE B 154 2.10 24.90 -2.43
CA ILE B 154 1.70 23.49 -2.32
C ILE B 154 0.33 23.27 -2.97
N ARG B 155 -0.60 24.16 -2.68
CA ARG B 155 -1.95 24.06 -3.24
C ARG B 155 -1.88 24.08 -4.76
N GLN B 156 -1.19 25.08 -5.32
CA GLN B 156 -0.99 25.19 -6.75
C GLN B 156 -0.35 23.95 -7.35
N LYS B 157 0.71 23.46 -6.69
CA LYS B 157 1.39 22.28 -7.20
C LYS B 157 0.49 21.05 -7.25
N VAL B 158 -0.28 20.80 -6.21
CA VAL B 158 -1.17 19.62 -6.21
C VAL B 158 -2.24 19.80 -7.28
N GLU B 159 -2.82 21.00 -7.33
CA GLU B 159 -3.88 21.21 -8.33
C GLU B 159 -3.38 20.92 -9.74
N LYS B 160 -2.21 21.44 -10.09
CA LYS B 160 -1.63 21.17 -11.41
C LYS B 160 -1.42 19.67 -11.57
N LEU B 161 -0.89 19.02 -10.53
CA LEU B 161 -0.65 17.59 -10.58
C LEU B 161 -1.94 16.84 -10.95
N ASP B 162 -2.98 17.14 -10.17
CA ASP B 162 -4.27 16.47 -10.40
C ASP B 162 -4.86 16.83 -11.75
N ARG B 163 -4.65 18.06 -12.19
CA ARG B 163 -5.13 18.53 -13.48
C ARG B 163 -4.61 17.63 -14.60
N LEU B 164 -3.29 17.42 -14.58
CA LEU B 164 -2.64 16.55 -15.55
C LEU B 164 -3.25 15.14 -15.53
N SER C 1 27.29 -12.28 -12.79
CA SER C 1 28.05 -11.07 -13.19
C SER C 1 28.47 -10.22 -11.98
N VAL C 2 29.63 -9.61 -12.10
CA VAL C 2 30.12 -8.72 -11.05
C VAL C 2 29.48 -7.34 -11.26
N LEU C 3 28.80 -6.82 -10.25
CA LEU C 3 28.13 -5.53 -10.38
C LEU C 3 28.97 -4.39 -9.81
N GLN C 4 28.68 -3.19 -10.27
CA GLN C 4 29.33 -1.99 -9.77
C GLN C 4 28.84 -1.69 -8.36
N VAL C 5 29.78 -1.43 -7.46
CA VAL C 5 29.46 -1.09 -6.09
C VAL C 5 29.50 0.44 -5.97
N LEU C 6 28.39 1.05 -5.60
CA LEU C 6 28.34 2.51 -5.47
C LEU C 6 29.24 2.98 -4.32
N HIS C 7 29.83 4.16 -4.49
CA HIS C 7 30.66 4.70 -3.40
C HIS C 7 30.09 6.04 -2.90
N ILE C 8 30.33 6.40 -1.64
CA ILE C 8 29.96 7.76 -1.22
C ILE C 8 30.74 8.68 -2.18
N PRO C 9 30.20 9.85 -2.47
CA PRO C 9 28.97 10.33 -1.88
C PRO C 9 27.70 10.17 -2.72
N ASP C 10 27.62 9.11 -3.52
CA ASP C 10 26.43 8.86 -4.35
C ASP C 10 25.15 8.82 -3.53
N GLU C 11 24.16 9.68 -3.79
CA GLU C 11 22.93 9.69 -3.03
C GLU C 11 22.13 8.40 -3.17
N ARG C 12 22.43 7.59 -4.17
CA ARG C 12 21.65 6.34 -4.29
C ARG C 12 21.85 5.45 -3.07
N LEU C 13 22.96 5.60 -2.34
CA LEU C 13 23.22 4.82 -1.13
C LEU C 13 22.35 5.16 0.05
N ARG C 14 21.59 6.26 -0.07
CA ARG C 14 20.70 6.72 0.96
C ARG C 14 19.26 6.26 0.69
N LYS C 15 19.02 5.63 -0.46
CA LYS C 15 17.64 5.17 -0.71
C LYS C 15 17.22 4.02 0.20
N VAL C 16 15.97 4.05 0.64
CA VAL C 16 15.39 3.02 1.50
C VAL C 16 14.84 1.90 0.62
N ALA C 17 15.30 0.68 0.79
CA ALA C 17 14.85 -0.43 -0.04
C ALA C 17 13.46 -0.90 0.29
N LYS C 18 12.75 -1.37 -0.76
CA LYS C 18 11.44 -1.98 -0.57
C LYS C 18 11.57 -3.48 -0.34
N PRO C 19 10.66 -4.06 0.43
CA PRO C 19 10.60 -5.49 0.69
C PRO C 19 10.43 -6.24 -0.63
N VAL C 20 11.11 -7.38 -0.69
CA VAL C 20 10.99 -8.26 -1.84
C VAL C 20 9.55 -8.80 -1.81
N GLU C 21 8.92 -8.81 -2.98
CA GLU C 21 7.52 -9.27 -3.03
C GLU C 21 7.41 -10.77 -3.05
N GLU C 22 8.15 -11.35 -3.98
CA GLU C 22 8.17 -12.78 -4.23
C GLU C 22 9.59 -13.21 -4.62
N VAL C 23 10.10 -14.22 -3.95
CA VAL C 23 11.45 -14.70 -4.23
C VAL C 23 11.43 -15.60 -5.46
N ASN C 24 11.58 -15.01 -6.64
CA ASN C 24 11.59 -15.73 -7.88
C ASN C 24 12.97 -15.78 -8.54
N ALA C 25 12.96 -16.28 -9.79
CA ALA C 25 14.17 -16.37 -10.58
C ALA C 25 14.95 -15.07 -10.70
N GLU C 26 14.29 -13.95 -10.86
CA GLU C 26 14.95 -12.66 -10.98
C GLU C 26 15.68 -12.34 -9.66
N ILE C 27 15.00 -12.61 -8.57
CA ILE C 27 15.59 -12.37 -7.25
C ILE C 27 16.79 -13.30 -7.05
N GLN C 28 16.62 -14.58 -7.42
CA GLN C 28 17.74 -15.52 -7.26
C GLN C 28 18.94 -15.08 -8.08
N ARG C 29 18.75 -14.47 -9.24
CA ARG C 29 19.83 -13.99 -10.08
C ARG C 29 20.52 -12.82 -9.37
N ILE C 30 19.73 -11.95 -8.77
CA ILE C 30 20.30 -10.81 -8.03
C ILE C 30 21.14 -11.34 -6.87
N VAL C 31 20.60 -12.30 -6.12
CA VAL C 31 21.35 -12.90 -5.01
C VAL C 31 22.68 -13.43 -5.52
N ASP C 32 22.66 -14.15 -6.65
CA ASP C 32 23.90 -14.73 -7.17
C ASP C 32 24.87 -13.67 -7.65
N ASP C 33 24.37 -12.62 -8.26
CA ASP C 33 25.24 -11.53 -8.73
C ASP C 33 25.81 -10.81 -7.49
N MET C 34 25.01 -10.73 -6.43
CA MET C 34 25.50 -10.07 -5.21
C MET C 34 26.63 -10.90 -4.62
N PHE C 35 26.47 -12.23 -4.53
CA PHE C 35 27.59 -13.02 -4.02
C PHE C 35 28.83 -12.86 -4.90
N GLU C 36 28.68 -12.93 -6.21
CA GLU C 36 29.80 -12.82 -7.11
C GLU C 36 30.56 -11.52 -6.89
N THR C 37 29.77 -10.43 -6.76
CA THR C 37 30.34 -9.10 -6.54
C THR C 37 31.07 -9.01 -5.22
N MET C 38 30.44 -9.53 -4.17
CA MET C 38 30.98 -9.51 -2.82
C MET C 38 32.30 -10.27 -2.80
N TYR C 39 32.33 -11.48 -3.38
CA TYR C 39 33.58 -12.23 -3.37
C TYR C 39 34.67 -11.51 -4.16
N ALA C 40 34.36 -10.94 -5.32
CA ALA C 40 35.35 -10.26 -6.15
C ALA C 40 35.96 -9.06 -5.44
N GLU C 41 35.16 -8.43 -4.60
CA GLU C 41 35.63 -7.21 -3.91
C GLU C 41 36.24 -7.54 -2.56
N GLU C 42 36.20 -8.83 -2.22
CA GLU C 42 36.74 -9.35 -0.98
C GLU C 42 35.99 -8.85 0.26
N GLY C 43 34.66 -8.78 0.18
CA GLY C 43 33.83 -8.39 1.29
C GLY C 43 33.20 -9.65 1.91
N ILE C 44 32.69 -9.52 3.13
CA ILE C 44 32.05 -10.64 3.81
C ILE C 44 30.53 -10.44 3.90
N GLY C 45 30.10 -9.33 3.35
CA GLY C 45 28.65 -9.05 3.33
C GLY C 45 28.38 -8.03 2.24
N LEU C 46 27.15 -7.98 1.72
CA LEU C 46 26.79 -7.01 0.71
C LEU C 46 25.26 -6.80 0.80
N ALA C 47 24.85 -5.54 0.71
CA ALA C 47 23.42 -5.21 0.71
C ALA C 47 23.01 -4.78 -0.68
N ALA C 48 21.76 -5.12 -1.13
CA ALA C 48 21.40 -4.76 -2.50
C ALA C 48 21.52 -3.29 -2.84
N THR C 49 21.25 -2.42 -1.86
CA THR C 49 21.37 -0.97 -2.07
C THR C 49 22.73 -0.59 -2.63
N GLN C 50 23.76 -1.29 -2.16
CA GLN C 50 25.11 -0.96 -2.61
C GLN C 50 25.34 -1.15 -4.09
N VAL C 51 24.56 -2.00 -4.74
CA VAL C 51 24.67 -2.25 -6.17
C VAL C 51 23.49 -1.64 -6.94
N ASP C 52 22.91 -0.62 -6.30
CA ASP C 52 21.82 0.14 -6.92
C ASP C 52 20.59 -0.73 -7.21
N ILE C 53 20.37 -1.69 -6.33
CA ILE C 53 19.14 -2.52 -6.39
C ILE C 53 18.39 -2.23 -5.10
N HIS C 54 17.25 -1.51 -5.16
CA HIS C 54 16.58 -1.10 -3.94
C HIS C 54 15.50 -2.00 -3.39
N GLN C 55 15.93 -3.23 -3.06
CA GLN C 55 15.15 -4.28 -2.46
C GLN C 55 15.83 -4.83 -1.23
N ARG C 56 15.07 -5.37 -0.29
CA ARG C 56 15.63 -5.89 0.95
C ARG C 56 16.24 -7.27 0.83
N ILE C 57 17.46 -7.28 0.28
CA ILE C 57 18.26 -8.44 0.05
C ILE C 57 19.71 -8.27 0.57
N ILE C 58 20.13 -9.18 1.41
CA ILE C 58 21.50 -9.18 1.92
C ILE C 58 22.12 -10.56 1.70
N VAL C 59 23.40 -10.55 1.33
CA VAL C 59 24.18 -11.78 1.20
C VAL C 59 25.41 -11.61 2.11
N ILE C 60 25.70 -12.68 2.82
CA ILE C 60 26.86 -12.72 3.73
C ILE C 60 27.65 -14.01 3.55
N ASP C 61 28.98 -13.96 3.59
CA ASP C 61 29.79 -15.17 3.64
C ASP C 61 31.13 -14.79 4.31
N VAL C 62 31.28 -15.17 5.57
CA VAL C 62 32.53 -14.76 6.26
C VAL C 62 33.62 -15.82 6.09
N SER C 63 33.26 -16.96 5.49
CA SER C 63 34.18 -18.07 5.38
C SER C 63 35.40 -17.82 4.50
N GLU C 64 36.50 -18.48 4.92
CA GLU C 64 37.74 -18.38 4.16
C GLU C 64 37.60 -19.05 2.81
N ASN C 65 36.89 -20.20 2.76
CA ASN C 65 36.78 -20.92 1.49
C ASN C 65 35.60 -20.47 0.62
N ARG C 66 34.88 -19.45 1.05
CA ARG C 66 33.76 -18.87 0.31
C ARG C 66 32.72 -19.95 -0.02
N ASP C 67 32.34 -20.71 0.98
CA ASP C 67 31.38 -21.79 0.78
C ASP C 67 30.42 -21.90 1.95
N GLU C 68 30.13 -20.77 2.60
CA GLU C 68 29.19 -20.69 3.71
C GLU C 68 28.24 -19.50 3.49
N ARG C 69 27.48 -19.61 2.40
CA ARG C 69 26.54 -18.58 1.98
C ARG C 69 25.35 -18.42 2.91
N LEU C 70 25.09 -17.16 3.25
CA LEU C 70 23.96 -16.79 4.09
C LEU C 70 23.16 -15.74 3.33
N VAL C 71 21.84 -15.98 3.16
CA VAL C 71 21.01 -15.05 2.42
C VAL C 71 19.89 -14.55 3.31
N LEU C 72 19.83 -13.21 3.46
CA LEU C 72 18.80 -12.56 4.27
C LEU C 72 17.89 -11.72 3.40
N ILE C 73 16.69 -12.27 3.08
CA ILE C 73 15.74 -11.49 2.27
C ILE C 73 14.64 -10.98 3.20
N ASN C 74 14.31 -9.68 3.14
CA ASN C 74 13.34 -9.12 4.04
C ASN C 74 13.61 -9.41 5.50
N PRO C 75 14.84 -9.14 5.98
CA PRO C 75 15.20 -9.42 7.35
C PRO C 75 14.47 -8.59 8.39
N GLU C 76 14.13 -9.18 9.52
CA GLU C 76 13.47 -8.49 10.61
C GLU C 76 14.19 -8.70 11.94
N LEU C 77 14.53 -7.61 12.65
CA LEU C 77 15.21 -7.76 13.93
C LEU C 77 14.24 -8.15 15.03
N LEU C 78 14.38 -9.35 15.57
CA LEU C 78 13.44 -9.75 16.61
C LEU C 78 13.83 -9.28 18.01
N GLU C 79 15.14 -9.34 18.28
CA GLU C 79 15.65 -8.99 19.60
C GLU C 79 17.15 -8.68 19.45
N LYS C 80 17.67 -7.89 20.38
CA LYS C 80 19.11 -7.55 20.31
C LYS C 80 19.50 -7.22 21.75
N SER C 81 20.79 -7.38 22.08
CA SER C 81 21.21 -7.07 23.44
C SER C 81 22.72 -6.76 23.44
N GLY C 82 23.12 -6.02 24.49
CA GLY C 82 24.51 -5.67 24.64
C GLY C 82 25.02 -4.60 23.69
N GLU C 83 26.33 -4.34 23.86
CA GLU C 83 27.00 -3.36 23.04
C GLU C 83 28.42 -3.88 22.73
N THR C 84 28.86 -3.51 21.56
CA THR C 84 30.20 -3.93 21.15
C THR C 84 30.65 -3.00 20.05
N GLY C 85 31.83 -3.29 19.51
CA GLY C 85 32.28 -2.51 18.37
C GLY C 85 33.67 -2.87 17.89
N ILE C 86 33.85 -2.86 16.59
CA ILE C 86 35.13 -3.14 15.97
C ILE C 86 35.38 -2.08 14.91
N GLU C 87 36.59 -1.99 14.37
CA GLU C 87 36.84 -1.09 13.26
C GLU C 87 36.29 -1.67 11.96
N GLU C 88 35.15 -1.14 11.53
CA GLU C 88 34.53 -1.60 10.29
C GLU C 88 35.01 -0.87 9.06
N GLY C 89 34.97 -1.59 7.94
CA GLY C 89 35.22 -1.10 6.61
C GLY C 89 33.93 -1.37 5.80
N CYS C 90 33.80 -0.69 4.67
CA CYS C 90 32.63 -0.81 3.81
C CYS C 90 32.99 -0.63 2.36
N LEU C 91 32.54 -1.55 1.47
CA LEU C 91 32.90 -1.43 0.08
C LEU C 91 32.49 -0.12 -0.55
N SER C 92 31.50 0.56 0.02
CA SER C 92 31.00 1.81 -0.48
C SER C 92 31.75 2.99 0.15
N ILE C 93 32.73 2.68 0.97
CA ILE C 93 33.54 3.76 1.61
C ILE C 93 34.98 3.20 1.59
N PRO C 94 35.49 3.00 0.39
CA PRO C 94 36.77 2.34 0.20
C PRO C 94 37.94 2.77 1.06
N GLU C 95 38.63 1.80 1.63
CA GLU C 95 39.83 1.91 2.42
C GLU C 95 39.71 2.63 3.74
N GLN C 96 38.51 3.04 4.14
CA GLN C 96 38.37 3.75 5.41
C GLN C 96 37.82 2.83 6.48
N ARG C 97 38.38 2.84 7.69
CA ARG C 97 37.91 2.02 8.77
C ARG C 97 37.55 2.88 9.98
N ALA C 98 36.58 2.48 10.79
CA ALA C 98 36.25 3.19 12.00
C ALA C 98 35.44 2.36 12.99
N LEU C 99 35.76 2.48 14.27
CA LEU C 99 34.99 1.80 15.31
C LEU C 99 33.59 2.42 15.39
N VAL C 100 32.57 1.56 15.29
CA VAL C 100 31.20 2.09 15.47
C VAL C 100 30.43 1.19 16.43
N PRO C 101 29.53 1.75 17.21
CA PRO C 101 28.74 1.03 18.21
C PRO C 101 27.71 0.11 17.55
N ARG C 102 27.68 -1.11 18.08
CA ARG C 102 26.73 -2.11 17.57
C ARG C 102 26.16 -2.96 18.70
N ALA C 103 24.95 -3.56 18.49
CA ALA C 103 24.45 -4.50 19.51
C ALA C 103 25.38 -5.73 19.45
N GLU C 104 25.61 -6.35 20.58
CA GLU C 104 26.50 -7.51 20.66
C GLU C 104 25.84 -8.76 20.08
N LYS C 105 24.54 -8.85 20.34
CA LYS C 105 23.79 -10.05 19.92
C LYS C 105 22.51 -9.65 19.21
N VAL C 106 22.16 -10.37 18.15
CA VAL C 106 20.88 -10.07 17.49
C VAL C 106 20.19 -11.40 17.12
N LYS C 107 18.87 -11.31 17.09
CA LYS C 107 18.09 -12.49 16.63
C LYS C 107 17.24 -11.92 15.51
N ILE C 108 17.35 -12.47 14.30
CA ILE C 108 16.58 -11.99 13.18
C ILE C 108 15.72 -13.11 12.57
N ARG C 109 14.74 -12.66 11.81
CA ARG C 109 13.93 -13.60 11.00
C ARG C 109 14.08 -13.08 9.57
N ALA C 110 14.12 -13.95 8.56
CA ALA C 110 14.27 -13.54 7.18
C ALA C 110 13.86 -14.68 6.23
N LEU C 111 13.87 -14.40 4.94
CA LEU C 111 13.58 -15.49 3.98
C LEU C 111 14.93 -15.93 3.39
N ASP C 112 15.07 -17.22 3.08
CA ASP C 112 16.29 -17.70 2.44
C ASP C 112 16.18 -17.51 0.93
N ARG C 113 17.15 -18.01 0.19
CA ARG C 113 17.23 -17.86 -1.24
C ARG C 113 16.02 -18.55 -1.91
N ASP C 114 15.42 -19.47 -1.16
CA ASP C 114 14.26 -20.16 -1.73
C ASP C 114 12.96 -19.49 -1.32
N GLY C 115 13.06 -18.47 -0.45
CA GLY C 115 11.86 -17.79 0.03
C GLY C 115 11.30 -18.41 1.29
N LYS C 116 11.99 -19.36 1.90
CA LYS C 116 11.54 -20.01 3.11
C LYS C 116 11.99 -19.23 4.35
N PRO C 117 11.10 -18.94 5.26
CA PRO C 117 11.41 -18.23 6.49
C PRO C 117 12.30 -19.04 7.42
N PHE C 118 13.16 -18.33 8.14
CA PHE C 118 14.05 -18.93 9.11
C PHE C 118 14.45 -17.90 10.20
N GLU C 119 14.84 -18.42 11.35
CA GLU C 119 15.34 -17.53 12.41
C GLU C 119 16.84 -17.77 12.59
N LEU C 120 17.52 -16.69 13.01
CA LEU C 120 18.97 -16.79 13.18
C LEU C 120 19.41 -15.99 14.40
N GLU C 121 20.13 -16.65 15.32
CA GLU C 121 20.66 -15.90 16.47
C GLU C 121 22.15 -15.73 16.19
N ALA C 122 22.62 -14.48 16.28
CA ALA C 122 24.03 -14.25 16.01
C ALA C 122 24.70 -13.37 17.07
N ASP C 123 26.01 -13.59 17.12
CA ASP C 123 26.82 -12.74 18.02
C ASP C 123 28.16 -12.51 17.34
N GLY C 124 29.12 -11.94 18.13
CA GLY C 124 30.42 -11.74 17.45
C GLY C 124 30.35 -10.96 16.16
N LEU C 125 31.26 -11.29 15.24
CA LEU C 125 31.36 -10.60 13.96
C LEU C 125 30.05 -10.72 13.15
N LEU C 126 29.45 -11.91 13.18
CA LEU C 126 28.21 -12.02 12.38
C LEU C 126 27.14 -11.04 12.83
N ALA C 127 26.97 -10.82 14.13
CA ALA C 127 25.93 -9.88 14.57
C ALA C 127 26.25 -8.48 14.04
N ILE C 128 27.57 -8.14 14.17
CA ILE C 128 27.94 -6.82 13.62
C ILE C 128 27.70 -6.74 12.13
N CYS C 129 28.04 -7.76 11.33
CA CYS C 129 27.80 -7.76 9.91
C CYS C 129 26.29 -7.58 9.57
N ILE C 130 25.50 -8.36 10.28
CA ILE C 130 24.03 -8.23 10.01
C ILE C 130 23.52 -6.81 10.21
N GLN C 131 23.99 -6.16 11.28
CA GLN C 131 23.56 -4.77 11.52
C GLN C 131 24.08 -3.83 10.47
N HIS C 132 25.34 -3.96 10.08
CA HIS C 132 25.90 -3.12 9.02
C HIS C 132 25.18 -3.25 7.69
N GLU C 133 24.78 -4.52 7.35
CA GLU C 133 24.06 -4.72 6.09
C GLU C 133 22.58 -4.25 6.23
N MET C 134 21.96 -4.47 7.34
CA MET C 134 20.56 -4.01 7.51
C MET C 134 20.54 -2.49 7.47
N ASP C 135 21.64 -1.87 7.96
CA ASP C 135 21.69 -0.40 7.87
C ASP C 135 21.64 0.05 6.42
N HIS C 136 22.41 -0.61 5.54
CA HIS C 136 22.49 -0.22 4.15
C HIS C 136 21.07 -0.18 3.52
N LEU C 137 20.28 -1.13 3.96
CA LEU C 137 18.92 -1.26 3.37
C LEU C 137 18.02 -0.08 3.72
N VAL C 138 18.37 0.65 4.77
CA VAL C 138 17.60 1.85 5.15
C VAL C 138 18.47 3.11 4.96
N GLY C 139 19.37 3.05 4.00
CA GLY C 139 20.20 4.18 3.59
C GLY C 139 21.18 4.66 4.64
N LYS C 140 21.54 3.83 5.62
CA LYS C 140 22.46 4.21 6.68
C LYS C 140 23.84 3.58 6.45
N LEU C 141 24.88 4.36 6.72
CA LEU C 141 26.27 3.95 6.50
C LEU C 141 27.08 4.00 7.81
N PHE C 142 28.22 3.28 7.93
CA PHE C 142 28.84 3.27 9.25
C PHE C 142 29.36 4.66 9.62
N MET C 143 29.66 5.44 8.60
CA MET C 143 30.22 6.79 8.92
C MET C 143 29.18 7.65 9.62
N ASP C 144 27.89 7.34 9.48
CA ASP C 144 26.84 8.12 10.11
C ASP C 144 26.91 8.13 11.64
N TYR C 145 27.66 7.21 12.22
CA TYR C 145 27.76 7.09 13.66
C TYR C 145 28.90 7.98 14.21
N LEU C 146 29.66 8.55 13.28
CA LEU C 146 30.79 9.35 13.74
C LEU C 146 30.50 10.85 13.75
N SER C 147 31.49 11.60 14.29
CA SER C 147 31.22 13.06 14.29
C SER C 147 31.22 13.66 12.89
N PRO C 148 30.56 14.80 12.74
CA PRO C 148 30.50 15.54 11.49
C PRO C 148 31.89 15.74 10.91
N LEU C 149 32.86 16.11 11.77
CA LEU C 149 34.21 16.32 11.21
C LEU C 149 34.77 15.00 10.71
N LYS C 150 34.52 13.90 11.40
CA LYS C 150 35.00 12.58 10.99
C LYS C 150 34.36 12.21 9.66
N GLN C 151 33.05 12.48 9.54
CA GLN C 151 32.35 12.16 8.31
C GLN C 151 32.91 12.88 7.10
N GLN C 152 33.17 14.19 7.25
CA GLN C 152 33.74 14.97 6.17
C GLN C 152 35.12 14.49 5.76
N ARG C 153 35.95 14.07 6.72
CA ARG C 153 37.29 13.60 6.36
C ARG C 153 37.15 12.30 5.56
N ILE C 154 36.25 11.44 6.02
CA ILE C 154 36.06 10.15 5.32
C ILE C 154 35.62 10.39 3.88
N ARG C 155 34.66 11.29 3.67
CA ARG C 155 34.19 11.59 2.31
C ARG C 155 35.33 12.14 1.47
N GLN C 156 36.09 13.08 2.05
CA GLN C 156 37.26 13.60 1.35
C GLN C 156 38.24 12.49 0.92
N LYS C 157 38.60 11.60 1.83
CA LYS C 157 39.53 10.51 1.54
C LYS C 157 39.00 9.60 0.43
N VAL C 158 37.70 9.30 0.47
CA VAL C 158 37.13 8.47 -0.60
C VAL C 158 37.17 9.16 -1.94
N GLU C 159 36.79 10.44 -1.97
CA GLU C 159 36.83 11.19 -3.22
C GLU C 159 38.24 11.25 -3.77
N LYS C 160 39.25 11.32 -2.91
CA LYS C 160 40.63 11.34 -3.38
C LYS C 160 40.97 10.00 -4.03
N LEU C 161 40.65 8.92 -3.31
CA LEU C 161 40.92 7.60 -3.87
C LEU C 161 40.25 7.42 -5.24
N ASP C 162 39.00 7.88 -5.35
CA ASP C 162 38.25 7.72 -6.59
C ASP C 162 38.77 8.63 -7.69
N ARG C 163 39.48 9.71 -7.36
CA ARG C 163 40.04 10.54 -8.42
C ARG C 163 41.30 9.91 -9.00
N LEU C 164 42.03 9.22 -8.13
CA LEU C 164 43.28 8.58 -8.53
C LEU C 164 43.01 7.34 -9.38
NI NI D . -19.17 -4.37 -16.18
C5 BB2 E . -20.82 -0.67 -15.86
C3 BB2 E . -20.24 -2.04 -15.49
O4 BB2 E . -19.04 -2.22 -15.77
N1 BB2 E . -20.91 -2.85 -14.68
O2 BB2 E . -20.55 -3.99 -14.39
C6 BB2 E . -21.27 -0.70 -17.38
C12 BB2 E . -21.63 0.66 -17.99
O13 BB2 E . -22.01 1.60 -17.31
C7 BB2 E . -22.64 -1.47 -17.30
C8 BB2 E . -23.19 -1.72 -18.71
C9 BB2 E . -24.50 -2.47 -18.67
C10 BB2 E . -24.92 -3.02 -20.03
C11 BB2 E . -25.15 -1.97 -21.06
N14 BB2 E . -21.26 0.82 -19.24
C15 BB2 E . -21.70 1.93 -20.07
C16 BB2 E . -20.55 2.84 -20.53
C18 BB2 E . -19.41 2.02 -21.11
C17 BB2 E . -20.09 3.62 -19.30
C19 BB2 E . -22.42 1.34 -21.27
O20 BB2 E . -22.03 0.29 -21.77
N21 BB2 E . -23.43 2.02 -21.76
C22 BB2 E . -24.23 1.56 -22.88
C23 BB2 E . -23.96 3.28 -21.16
C24 BB2 E . -25.11 3.63 -22.08
C25 BB2 E . -25.54 2.32 -22.67
C26 BB2 E . -23.63 1.85 -24.24
O27 BB2 E . -24.17 1.30 -25.25
NI NI F . -1.49 12.44 5.54
C5 BB2 G . 0.39 8.75 4.74
C3 BB2 G . -0.62 9.83 5.08
O4 BB2 G . -0.74 10.82 4.35
N1 BB2 G . -1.37 9.68 6.16
O2 BB2 G . -2.11 10.56 6.59
C6 BB2 G . 1.89 9.54 5.07
C12 BB2 G . 3.09 8.82 4.46
O13 BB2 G . 3.20 7.61 4.31
C7 BB2 G . 2.01 9.58 6.59
C8 BB2 G . 3.36 10.27 7.05
C9 BB2 G . 3.50 10.16 8.53
C10 BB2 G . 4.53 11.18 9.09
C11 BB2 G . 5.89 10.98 8.49
N14 BB2 G . 4.01 9.66 3.99
C15 BB2 G . 5.28 9.22 3.44
C15 BB2 G . 5.28 9.22 3.43
C16 BB2 G . 5.35 9.50 1.95
C16 BB2 G . 5.44 9.48 1.94
C18 BB2 G . 4.67 8.35 1.21
C18 BB2 G . 5.54 10.97 1.62
C17 BB2 G . 6.78 9.65 1.47
C17 BB2 G . 4.28 8.86 1.16
C19 BB2 G . 6.35 10.01 4.21
O20 BB2 G . 6.19 11.20 4.43
N21 BB2 G . 7.39 9.34 4.65
C22 BB2 G . 8.46 9.96 5.42
C23 BB2 G . 7.62 7.88 4.45
C24 BB2 G . 9.01 7.70 5.02
C25 BB2 G . 9.12 8.75 6.07
C26 BB2 G . 9.44 10.79 4.62
O27 BB2 G . 10.31 11.43 5.32
NI NI H . 28.99 -1.71 3.73
C5 BB2 I . 31.31 -5.23 3.08
C3 BB2 I . 30.18 -4.22 3.11
O4 BB2 I . 30.35 -2.99 3.02
N1 BB2 I . 28.96 -4.67 3.36
O2 BB2 I . 28.13 -3.74 3.15
C6 BB2 I . 31.89 -5.15 4.54
C12 BB2 I . 33.23 -5.84 4.77
O13 BB2 I . 33.49 -6.92 4.26
C7 BB2 I . 30.93 -5.63 5.63
C8 BB2 I . 31.44 -5.13 6.99
C9 BB2 I . 30.67 -5.76 8.11
C10 BB2 I . 31.16 -5.31 9.46
C11 BB2 I . 32.60 -5.67 9.65
N14 BB2 I . 34.11 -5.16 5.53
C15 BB2 I . 35.40 -5.74 5.86
C15 BB2 I . 35.40 -5.74 5.86
C16 BB2 I . 36.52 -5.19 4.97
C16 BB2 I . 36.55 -5.19 5.00
C18 BB2 I . 36.20 -5.39 3.49
C18 BB2 I . 36.69 -3.69 5.23
C17 BB2 I . 37.85 -5.85 5.28
C17 BB2 I . 36.34 -5.49 3.53
C19 BB2 I . 35.62 -5.45 7.33
O20 BB2 I . 35.19 -4.40 7.85
N21 BB2 I . 36.07 -6.43 8.12
C22 BB2 I . 36.27 -6.28 9.54
C23 BB2 I . 36.36 -7.81 7.64
C24 BB2 I . 36.71 -8.53 8.91
C25 BB2 I . 36.26 -7.73 10.06
C26 BB2 I . 37.57 -5.61 9.97
O27 BB2 I . 37.65 -5.37 11.23
#